data_4R5Y
#
_entry.id   4R5Y
#
_cell.length_a   49.395
_cell.length_b   101.601
_cell.length_c   109.786
_cell.angle_alpha   90.000
_cell.angle_beta   90.000
_cell.angle_gamma   90.000
#
_symmetry.space_group_name_H-M   'P 21 21 21'
#
loop_
_entity.id
_entity.type
_entity.pdbx_description
1 polymer 'Serine/threonine-protein kinase B-raf'
2 non-polymer 5-({(1R,1aS,6bR)-1-[5-(trifluoromethyl)-1H-benzimidazol-2-yl]-1a,6b-dihydro-1H-cyclopropa[b][1]benzofuran-5-yl}oxy)-3,4-dihydro-1,8-naphthyridin-2(1H)-one
#
_entity_poly.entity_id   1
_entity_poly.type   'polypeptide(L)'
_entity_poly.pdbx_seq_one_letter_code
;MKKGHHHHHHGSRDSSDDWEIPDGQITVGQRIGSGSFGTVYKGKWHGDVAVKMLNVTAPTPQQLQAFKNEVGVLRKTRHV
NILLFMGYSTKPQLAIVTQWCEGSSLYHHLHASETKFEMKKLIDIARQTARGMDYLHAKSIIHRDLKSNNIFLHEDNTVK
IGDFGLATEKSRWSGSHQFEQLSGSILWMAPEVIRMQDSNPYSFQSDVYAFGIVLYELMTGQLPYSNINNRDQIIEMVGR
GSLSPDLSKVRSNCPKRMKRLMAECLKKKRDERPSFPRILAEIEELARELSG
;
_entity_poly.pdbx_strand_id   A,B
#
# COMPACT_ATOMS: atom_id res chain seq x y z
N ASP A 18 11.70 14.46 5.83
CA ASP A 18 10.74 15.35 5.18
C ASP A 18 10.15 14.72 3.90
N TRP A 19 8.96 15.16 3.51
CA TRP A 19 8.27 14.58 2.35
C TRP A 19 8.26 15.49 1.13
N GLU A 20 9.12 16.50 1.12
CA GLU A 20 9.21 17.41 -0.01
C GLU A 20 10.03 16.79 -1.14
N ILE A 21 9.49 16.82 -2.36
CA ILE A 21 10.19 16.25 -3.51
C ILE A 21 10.79 17.34 -4.39
N PRO A 22 12.13 17.41 -4.41
CA PRO A 22 12.92 18.40 -5.17
C PRO A 22 12.50 18.49 -6.62
N ASP A 23 12.63 19.70 -7.18
CA ASP A 23 12.23 19.95 -8.55
C ASP A 23 13.07 19.11 -9.51
N GLY A 24 12.42 18.55 -10.54
CA GLY A 24 13.13 17.81 -11.56
C GLY A 24 13.21 16.32 -11.31
N GLN A 25 12.83 15.90 -10.11
CA GLN A 25 12.85 14.48 -9.78
C GLN A 25 11.68 13.76 -10.45
N ILE A 26 10.56 14.46 -10.58
CA ILE A 26 9.34 13.85 -11.11
C ILE A 26 9.13 14.17 -12.59
N THR A 27 9.21 13.15 -13.43
CA THR A 27 8.87 13.28 -14.85
C THR A 27 7.36 13.21 -15.00
N VAL A 28 6.73 14.36 -15.17
CA VAL A 28 5.27 14.42 -15.29
C VAL A 28 4.84 13.89 -16.65
N GLY A 29 4.21 12.73 -16.64
CA GLY A 29 3.83 12.04 -17.86
C GLY A 29 2.46 12.43 -18.39
N GLN A 30 1.56 11.46 -18.49
CA GLN A 30 0.27 11.66 -19.12
C GLN A 30 -0.76 12.36 -18.22
N ARG A 31 -1.54 13.26 -18.81
CA ARG A 31 -2.64 13.89 -18.08
C ARG A 31 -3.81 12.92 -17.99
N ILE A 32 -4.39 12.79 -16.80
CA ILE A 32 -5.48 11.85 -16.58
C ILE A 32 -6.83 12.56 -16.51
N GLY A 33 -6.89 13.56 -15.65
CA GLY A 33 -8.10 14.35 -15.48
C GLY A 33 -7.77 15.82 -15.35
N SER A 34 -8.65 16.65 -15.88
CA SER A 34 -8.44 18.09 -15.79
C SER A 34 -9.65 18.75 -15.14
N GLY A 35 -9.40 19.55 -14.11
CA GLY A 35 -10.45 20.31 -13.46
C GLY A 35 -10.16 21.79 -13.55
N SER A 36 -11.13 22.61 -13.19
CA SER A 36 -10.91 24.06 -13.17
C SER A 36 -9.88 24.40 -12.11
N PHE A 37 -10.00 23.71 -10.96
CA PHE A 37 -9.02 23.84 -9.89
C PHE A 37 -7.65 23.37 -10.36
N GLY A 38 -7.47 22.05 -10.38
CA GLY A 38 -6.18 21.48 -10.71
C GLY A 38 -6.21 20.44 -11.82
N THR A 39 -5.15 19.63 -11.89
CA THR A 39 -5.01 18.63 -12.94
C THR A 39 -4.18 17.41 -12.48
N VAL A 40 -4.74 16.22 -12.67
CA VAL A 40 -4.09 14.99 -12.22
C VAL A 40 -3.32 14.29 -13.33
N TYR A 41 -1.99 14.29 -13.22
CA TYR A 41 -1.15 13.61 -14.19
C TYR A 41 -0.68 12.28 -13.63
N LYS A 42 -0.50 11.31 -14.51
CA LYS A 42 0.19 10.08 -14.15
C LYS A 42 1.68 10.32 -14.37
N GLY A 43 2.50 10.06 -13.36
CA GLY A 43 3.92 10.36 -13.46
C GLY A 43 4.87 9.20 -13.22
N LYS A 44 6.16 9.51 -13.25
CA LYS A 44 7.18 8.51 -12.95
C LYS A 44 8.16 9.09 -11.94
N TRP A 45 8.32 8.37 -10.83
CA TRP A 45 9.28 8.73 -9.79
C TRP A 45 9.52 7.46 -8.98
N HIS A 46 10.69 6.85 -9.18
CA HIS A 46 11.02 5.56 -8.58
C HIS A 46 9.89 4.56 -8.82
N GLY A 47 9.40 4.55 -10.06
CA GLY A 47 8.24 3.76 -10.41
C GLY A 47 7.09 4.66 -10.79
N ASP A 48 5.93 4.06 -11.06
CA ASP A 48 4.77 4.81 -11.48
C ASP A 48 4.15 5.53 -10.29
N VAL A 49 3.81 6.79 -10.48
CA VAL A 49 3.12 7.57 -9.46
C VAL A 49 1.95 8.32 -10.07
N ALA A 50 1.34 9.19 -9.30
CA ALA A 50 0.25 10.01 -9.80
C ALA A 50 0.31 11.36 -9.12
N VAL A 51 0.50 12.40 -9.92
CA VAL A 51 0.68 13.74 -9.38
C VAL A 51 -0.56 14.60 -9.64
N LYS A 52 -0.99 15.34 -8.62
CA LYS A 52 -2.10 16.29 -8.74
C LYS A 52 -1.57 17.71 -8.64
N MET A 53 -1.58 18.44 -9.74
CA MET A 53 -0.99 19.77 -9.78
C MET A 53 -2.03 20.89 -9.72
N LEU A 54 -1.58 22.09 -9.34
CA LEU A 54 -2.45 23.27 -9.34
C LEU A 54 -2.15 24.14 -10.57
N ASN A 55 -3.20 24.42 -11.35
CA ASN A 55 -3.05 25.14 -12.63
C ASN A 55 -2.80 26.64 -12.47
N VAL A 56 -2.11 27.02 -11.39
CA VAL A 56 -1.80 28.42 -11.15
C VAL A 56 -0.30 28.57 -10.92
N THR A 57 0.29 29.58 -11.54
CA THR A 57 1.72 29.86 -11.40
C THR A 57 2.04 30.28 -9.97
N ALA A 58 1.47 31.42 -9.58
CA ALA A 58 1.63 31.93 -8.22
C ALA A 58 0.28 31.87 -7.50
N PRO A 59 0.12 30.87 -6.62
CA PRO A 59 -1.12 30.61 -5.88
C PRO A 59 -1.40 31.59 -4.73
N THR A 60 -2.66 32.04 -4.62
CA THR A 60 -3.08 32.88 -3.49
C THR A 60 -2.94 32.10 -2.19
N PRO A 61 -2.68 32.81 -1.07
CA PRO A 61 -2.62 32.19 0.26
C PRO A 61 -3.85 31.36 0.61
N GLN A 62 -5.02 31.74 0.08
CA GLN A 62 -6.23 30.95 0.29
C GLN A 62 -6.06 29.52 -0.26
N GLN A 63 -5.50 29.41 -1.46
CA GLN A 63 -5.27 28.11 -2.10
C GLN A 63 -3.88 27.56 -1.76
N LEU A 64 -3.00 28.43 -1.27
CA LEU A 64 -1.69 27.98 -0.84
C LEU A 64 -1.88 26.90 0.20
N GLN A 65 -2.71 27.17 1.20
CA GLN A 65 -2.91 26.18 2.24
C GLN A 65 -4.15 25.35 2.01
N ALA A 66 -4.73 25.46 0.82
CA ALA A 66 -5.66 24.46 0.35
C ALA A 66 -4.80 23.24 0.04
N PHE A 67 -3.54 23.54 -0.28
CA PHE A 67 -2.51 22.55 -0.56
C PHE A 67 -1.78 22.12 0.71
N LYS A 68 -1.51 23.08 1.59
CA LYS A 68 -0.81 22.80 2.85
C LYS A 68 -1.67 21.92 3.76
N ASN A 69 -2.97 22.17 3.74
CA ASN A 69 -3.91 21.41 4.58
C ASN A 69 -4.11 19.99 4.09
N GLU A 70 -4.33 19.86 2.78
CA GLU A 70 -4.54 18.55 2.17
C GLU A 70 -3.34 17.66 2.46
N VAL A 71 -2.15 18.26 2.42
CA VAL A 71 -0.91 17.57 2.74
C VAL A 71 -0.94 17.03 4.17
N GLY A 72 -1.27 17.90 5.13
CA GLY A 72 -1.29 17.53 6.53
C GLY A 72 -2.14 16.29 6.78
N VAL A 73 -3.38 16.32 6.31
CA VAL A 73 -4.30 15.21 6.50
C VAL A 73 -3.84 13.98 5.75
N LEU A 74 -2.98 14.19 4.76
CA LEU A 74 -2.45 13.06 4.00
C LEU A 74 -1.31 12.38 4.75
N ARG A 75 -0.36 13.18 5.24
CA ARG A 75 0.83 12.62 5.89
C ARG A 75 0.50 12.02 7.25
N LYS A 76 -0.78 12.07 7.62
CA LYS A 76 -1.23 11.49 8.87
C LYS A 76 -1.75 10.07 8.62
N THR A 77 -1.89 9.72 7.36
CA THR A 77 -2.43 8.41 6.97
C THR A 77 -1.34 7.41 6.58
N ARG A 78 -1.50 6.18 7.07
CA ARG A 78 -0.68 5.05 6.65
C ARG A 78 -1.51 3.77 6.77
N HIS A 79 -2.47 3.61 5.86
CA HIS A 79 -3.37 2.48 5.88
C HIS A 79 -3.50 1.86 4.49
N VAL A 80 -3.79 0.57 4.45
CA VAL A 80 -3.88 -0.16 3.20
C VAL A 80 -5.02 0.39 2.33
N ASN A 81 -6.06 0.86 2.99
CA ASN A 81 -7.27 1.29 2.29
C ASN A 81 -7.43 2.81 2.13
N ILE A 82 -6.34 3.53 2.38
CA ILE A 82 -6.28 4.95 2.04
C ILE A 82 -5.29 5.11 0.88
N LEU A 83 -5.48 6.13 0.05
CA LEU A 83 -4.54 6.42 -1.02
C LEU A 83 -3.19 6.78 -0.41
N LEU A 84 -2.14 6.12 -0.88
CA LEU A 84 -0.80 6.31 -0.32
C LEU A 84 -0.15 7.63 -0.72
N PHE A 85 -0.04 8.53 0.24
CA PHE A 85 0.71 9.76 0.07
C PHE A 85 2.18 9.40 -0.04
N MET A 86 2.92 10.04 -0.94
CA MET A 86 4.33 9.72 -1.13
C MET A 86 5.22 10.95 -1.01
N GLY A 87 4.62 12.12 -1.17
CA GLY A 87 5.35 13.38 -1.11
C GLY A 87 4.61 14.50 -1.81
N TYR A 88 5.24 15.68 -1.85
CA TYR A 88 4.64 16.86 -2.47
C TYR A 88 5.70 17.77 -3.08
N SER A 89 5.38 18.36 -4.22
CA SER A 89 6.27 19.33 -4.84
C SER A 89 5.82 20.75 -4.51
N THR A 90 6.76 21.68 -4.51
CA THR A 90 6.44 23.09 -4.29
C THR A 90 6.68 23.91 -5.56
N LYS A 91 7.74 23.55 -6.29
CA LYS A 91 8.08 24.22 -7.54
C LYS A 91 8.08 23.21 -8.70
N PRO A 92 7.72 23.67 -9.92
CA PRO A 92 7.30 25.03 -10.28
C PRO A 92 5.88 25.34 -9.83
N GLN A 93 4.98 24.35 -9.93
CA GLN A 93 3.65 24.51 -9.35
C GLN A 93 3.41 23.52 -8.23
N LEU A 94 2.51 23.86 -7.32
CA LEU A 94 2.19 23.02 -6.18
C LEU A 94 1.64 21.68 -6.68
N ALA A 95 2.09 20.60 -6.05
CA ALA A 95 1.69 19.26 -6.50
C ALA A 95 1.70 18.25 -5.37
N ILE A 96 0.64 17.44 -5.32
CA ILE A 96 0.59 16.29 -4.42
C ILE A 96 1.03 15.05 -5.19
N VAL A 97 1.76 14.16 -4.53
CA VAL A 97 2.18 12.92 -5.16
C VAL A 97 1.67 11.71 -4.40
N THR A 98 0.96 10.83 -5.11
CA THR A 98 0.47 9.60 -4.51
C THR A 98 0.92 8.41 -5.31
N GLN A 99 0.63 7.22 -4.79
CA GLN A 99 0.86 5.99 -5.53
C GLN A 99 -0.03 5.98 -6.77
N TRP A 100 0.37 5.22 -7.78
CA TRP A 100 -0.44 5.10 -8.98
C TRP A 100 -1.35 3.87 -8.95
N CYS A 101 -2.65 4.09 -8.75
CA CYS A 101 -3.62 3.01 -8.78
C CYS A 101 -4.07 2.71 -10.20
N GLU A 102 -4.48 1.48 -10.44
CA GLU A 102 -4.87 1.04 -11.78
C GLU A 102 -6.24 0.40 -11.74
N GLY A 103 -7.12 0.79 -12.66
CA GLY A 103 -8.45 0.21 -12.71
C GLY A 103 -9.52 1.27 -12.71
N SER A 104 -10.67 0.95 -12.11
CA SER A 104 -11.80 1.87 -12.07
C SER A 104 -12.24 2.16 -10.64
N SER A 105 -13.08 3.19 -10.47
CA SER A 105 -13.68 3.47 -9.18
C SER A 105 -14.88 2.55 -8.99
N LEU A 106 -15.35 2.45 -7.75
CA LEU A 106 -16.50 1.62 -7.45
C LEU A 106 -17.71 2.07 -8.25
N TYR A 107 -17.78 3.38 -8.49
CA TYR A 107 -18.89 3.97 -9.24
C TYR A 107 -18.91 3.51 -10.69
N HIS A 108 -17.75 3.57 -11.34
CA HIS A 108 -17.63 3.10 -12.72
C HIS A 108 -18.08 1.65 -12.78
N HIS A 109 -17.69 0.88 -11.76
CA HIS A 109 -17.98 -0.55 -11.71
C HIS A 109 -19.46 -0.87 -11.56
N LEU A 110 -20.15 -0.15 -10.69
CA LEU A 110 -21.54 -0.48 -10.36
C LEU A 110 -22.57 0.17 -11.29
N HIS A 111 -22.27 1.39 -11.76
CA HIS A 111 -23.27 2.22 -12.43
C HIS A 111 -22.96 2.51 -13.90
N ALA A 112 -21.67 2.53 -14.24
CA ALA A 112 -21.26 2.88 -15.59
C ALA A 112 -20.88 1.62 -16.39
N SER A 113 -20.44 0.59 -15.68
CA SER A 113 -20.20 -0.71 -16.28
C SER A 113 -21.11 -1.73 -15.60
N GLU A 114 -21.44 -2.80 -16.31
CA GLU A 114 -22.31 -3.82 -15.76
C GLU A 114 -21.49 -4.87 -15.01
N THR A 115 -20.76 -4.44 -13.99
CA THR A 115 -19.87 -5.36 -13.27
C THR A 115 -20.63 -6.44 -12.52
N LYS A 116 -20.50 -7.68 -13.02
CA LYS A 116 -21.17 -8.83 -12.43
C LYS A 116 -20.56 -9.18 -11.09
N PHE A 117 -20.72 -8.28 -10.12
CA PHE A 117 -20.15 -8.46 -8.80
C PHE A 117 -20.83 -9.59 -8.04
N GLU A 118 -20.05 -10.31 -7.25
CA GLU A 118 -20.57 -11.43 -6.46
C GLU A 118 -20.71 -10.97 -5.01
N MET A 119 -21.60 -11.64 -4.28
CA MET A 119 -21.94 -11.21 -2.92
C MET A 119 -20.74 -11.17 -1.98
N LYS A 120 -19.89 -12.18 -2.06
CA LYS A 120 -18.70 -12.22 -1.22
C LYS A 120 -17.83 -10.98 -1.46
N LYS A 121 -17.71 -10.57 -2.71
CA LYS A 121 -16.87 -9.43 -3.05
C LYS A 121 -17.52 -8.09 -2.76
N LEU A 122 -18.85 -8.03 -2.82
CA LEU A 122 -19.56 -6.82 -2.44
C LEU A 122 -19.36 -6.54 -0.95
N ILE A 123 -19.44 -7.61 -0.14
CA ILE A 123 -19.20 -7.54 1.30
C ILE A 123 -17.78 -7.10 1.60
N ASP A 124 -16.85 -7.67 0.83
CA ASP A 124 -15.42 -7.38 0.99
C ASP A 124 -15.07 -5.93 0.67
N ILE A 125 -15.70 -5.39 -0.37
CA ILE A 125 -15.55 -3.97 -0.71
C ILE A 125 -16.12 -3.10 0.41
N ALA A 126 -17.26 -3.53 0.94
CA ALA A 126 -17.89 -2.86 2.07
C ALA A 126 -17.03 -2.96 3.31
N ARG A 127 -16.34 -4.09 3.45
CA ARG A 127 -15.47 -4.32 4.59
C ARG A 127 -14.19 -3.49 4.53
N GLN A 128 -13.56 -3.46 3.34
CA GLN A 128 -12.35 -2.68 3.13
C GLN A 128 -12.62 -1.20 3.34
N THR A 129 -13.77 -0.73 2.83
CA THR A 129 -14.17 0.66 3.00
C THR A 129 -14.42 0.95 4.48
N ALA A 130 -14.96 -0.04 5.19
CA ALA A 130 -15.19 0.08 6.63
C ALA A 130 -13.88 0.29 7.35
N ARG A 131 -12.92 -0.60 7.10
CA ARG A 131 -11.59 -0.52 7.68
C ARG A 131 -10.94 0.83 7.38
N GLY A 132 -11.08 1.26 6.13
CA GLY A 132 -10.47 2.50 5.69
C GLY A 132 -11.07 3.70 6.38
N MET A 133 -12.39 3.75 6.45
CA MET A 133 -13.08 4.85 7.09
C MET A 133 -12.88 4.81 8.60
N ASP A 134 -12.75 3.59 9.13
CA ASP A 134 -12.52 3.40 10.55
C ASP A 134 -11.21 4.11 10.91
N TYR A 135 -10.17 3.85 10.11
CA TYR A 135 -8.84 4.37 10.36
C TYR A 135 -8.77 5.90 10.33
N LEU A 136 -9.53 6.50 9.43
CA LEU A 136 -9.62 7.96 9.33
C LEU A 136 -10.19 8.55 10.62
N HIS A 137 -11.29 7.98 11.08
CA HIS A 137 -11.97 8.50 12.26
C HIS A 137 -11.12 8.44 13.52
N ALA A 138 -10.30 7.40 13.65
CA ALA A 138 -9.46 7.27 14.82
C ALA A 138 -8.40 8.36 14.83
N LYS A 139 -7.97 8.73 13.63
CA LYS A 139 -7.04 9.84 13.45
C LYS A 139 -7.79 11.17 13.44
N SER A 140 -9.08 11.10 13.76
CA SER A 140 -9.93 12.29 13.86
C SER A 140 -9.98 13.04 12.55
N ILE A 141 -10.23 12.29 11.46
CA ILE A 141 -10.31 12.84 10.12
C ILE A 141 -11.69 12.62 9.50
N ILE A 142 -12.41 13.70 9.25
CA ILE A 142 -13.74 13.63 8.66
C ILE A 142 -13.64 13.88 7.16
N HIS A 143 -13.99 12.87 6.37
CA HIS A 143 -13.78 12.91 4.93
C HIS A 143 -14.54 14.04 4.21
N ARG A 144 -15.82 14.18 4.55
CA ARG A 144 -16.71 15.19 3.97
C ARG A 144 -17.24 14.87 2.56
N ASP A 145 -16.69 13.84 1.92
CA ASP A 145 -17.16 13.46 0.59
C ASP A 145 -16.96 11.98 0.28
N LEU A 146 -17.49 11.12 1.14
CA LEU A 146 -17.44 9.70 0.87
C LEU A 146 -18.50 9.37 -0.17
N LYS A 147 -18.06 8.75 -1.28
CA LYS A 147 -18.98 8.29 -2.32
C LYS A 147 -18.33 7.23 -3.18
N SER A 148 -19.14 6.57 -4.01
CA SER A 148 -18.69 5.43 -4.79
C SER A 148 -17.54 5.76 -5.75
N ASN A 149 -17.54 6.96 -6.33
CA ASN A 149 -16.45 7.35 -7.23
C ASN A 149 -15.27 7.96 -6.51
N ASN A 150 -15.39 8.15 -5.20
CA ASN A 150 -14.23 8.53 -4.40
C ASN A 150 -13.57 7.29 -3.77
N ILE A 151 -14.10 6.12 -4.13
CA ILE A 151 -13.55 4.84 -3.69
C ILE A 151 -12.96 4.09 -4.87
N PHE A 152 -11.64 4.08 -4.98
CA PHE A 152 -10.97 3.46 -6.12
C PHE A 152 -10.68 1.97 -5.90
N LEU A 153 -11.15 1.13 -6.82
CA LEU A 153 -10.83 -0.30 -6.78
C LEU A 153 -9.50 -0.60 -7.49
N HIS A 154 -8.41 -0.48 -6.73
CA HIS A 154 -7.07 -0.71 -7.26
C HIS A 154 -6.85 -2.19 -7.59
N GLU A 155 -6.52 -2.45 -8.86
CA GLU A 155 -6.44 -3.80 -9.40
C GLU A 155 -7.77 -4.52 -9.29
N ASP A 156 -8.85 -3.75 -9.24
CA ASP A 156 -10.21 -4.28 -9.08
C ASP A 156 -10.35 -5.14 -7.82
N ASN A 157 -9.51 -4.88 -6.81
CA ASN A 157 -9.51 -5.65 -5.58
C ASN A 157 -9.33 -4.76 -4.37
N THR A 158 -8.14 -4.19 -4.29
CA THR A 158 -7.75 -3.36 -3.16
C THR A 158 -8.50 -2.03 -3.19
N VAL A 159 -9.24 -1.72 -2.12
CA VAL A 159 -9.95 -0.47 -2.04
C VAL A 159 -9.03 0.63 -1.58
N LYS A 160 -8.99 1.73 -2.32
CA LYS A 160 -8.24 2.90 -1.92
C LYS A 160 -9.17 4.10 -1.80
N ILE A 161 -9.37 4.59 -0.58
CA ILE A 161 -10.20 5.76 -0.34
C ILE A 161 -9.39 7.04 -0.52
N GLY A 162 -10.02 8.06 -1.11
CA GLY A 162 -9.38 9.35 -1.30
C GLY A 162 -10.30 10.37 -1.96
N ASP A 163 -9.73 11.50 -2.33
CA ASP A 163 -10.48 12.54 -3.05
C ASP A 163 -10.08 12.59 -4.52
N PHE A 164 -10.83 11.88 -5.38
CA PHE A 164 -10.47 11.65 -6.78
C PHE A 164 -11.11 12.63 -7.77
N GLY A 165 -11.73 13.68 -7.25
CA GLY A 165 -12.39 14.67 -8.07
C GLY A 165 -11.70 16.01 -7.93
N SER A 185 -23.36 14.58 -6.26
CA SER A 185 -22.70 14.42 -4.97
C SER A 185 -23.67 14.59 -3.80
N ILE A 186 -24.92 14.93 -4.12
CA ILE A 186 -25.95 15.14 -3.10
C ILE A 186 -26.59 13.84 -2.65
N LEU A 187 -26.36 12.78 -3.41
CA LEU A 187 -26.99 11.50 -3.12
C LEU A 187 -26.43 10.88 -1.84
N TRP A 188 -25.24 11.32 -1.44
CA TRP A 188 -24.57 10.78 -0.24
C TRP A 188 -24.64 11.75 0.93
N MET A 189 -25.29 12.89 0.72
CA MET A 189 -25.39 13.93 1.75
C MET A 189 -26.54 13.66 2.72
N ALA A 190 -26.22 13.59 3.99
CA ALA A 190 -27.20 13.34 5.04
C ALA A 190 -28.17 14.50 5.12
N PRO A 191 -29.38 14.25 5.64
CA PRO A 191 -30.40 15.32 5.72
C PRO A 191 -29.88 16.60 6.36
N GLU A 192 -29.10 16.49 7.44
CA GLU A 192 -28.60 17.67 8.15
C GLU A 192 -27.52 18.41 7.34
N VAL A 193 -26.91 17.69 6.40
CA VAL A 193 -25.91 18.29 5.53
C VAL A 193 -26.58 19.01 4.36
N ILE A 194 -27.69 18.46 3.89
CA ILE A 194 -28.47 19.08 2.83
C ILE A 194 -29.04 20.41 3.31
N ARG A 195 -29.39 20.48 4.59
CA ARG A 195 -29.94 21.70 5.18
C ARG A 195 -28.88 22.74 5.50
N MET A 196 -27.62 22.28 5.59
CA MET A 196 -26.51 23.14 6.00
C MET A 196 -26.79 23.84 7.33
N GLN A 197 -27.33 23.09 8.29
CA GLN A 197 -27.60 23.63 9.63
C GLN A 197 -26.35 24.25 10.22
N ASP A 198 -26.47 25.51 10.66
CA ASP A 198 -25.33 26.30 11.13
C ASP A 198 -24.23 26.43 10.04
N SER A 199 -22.97 26.39 10.46
CA SER A 199 -21.86 26.43 9.52
C SER A 199 -21.61 25.05 8.93
N ASN A 200 -20.71 24.31 9.58
CA ASN A 200 -20.37 22.95 9.19
C ASN A 200 -21.34 21.94 9.80
N PRO A 201 -22.02 21.19 8.93
CA PRO A 201 -22.87 20.07 9.33
C PRO A 201 -22.08 18.77 9.23
N TYR A 202 -20.92 18.86 8.58
CA TYR A 202 -20.05 17.72 8.36
C TYR A 202 -19.47 17.20 9.66
N SER A 203 -19.73 15.93 9.94
CA SER A 203 -19.30 15.29 11.18
C SER A 203 -19.00 13.81 10.92
N PHE A 204 -18.65 13.08 11.98
CA PHE A 204 -18.37 11.66 11.85
C PHE A 204 -19.60 10.92 11.35
N GLN A 205 -20.77 11.40 11.77
CA GLN A 205 -22.03 10.75 11.43
C GLN A 205 -22.44 11.08 10.00
N SER A 206 -21.93 12.18 9.47
CA SER A 206 -22.20 12.53 8.08
C SER A 206 -21.49 11.52 7.19
N ASP A 207 -20.32 11.09 7.64
CA ASP A 207 -19.56 10.08 6.90
C ASP A 207 -20.22 8.73 7.07
N VAL A 208 -20.80 8.50 8.24
CA VAL A 208 -21.52 7.27 8.49
C VAL A 208 -22.71 7.15 7.53
N TYR A 209 -23.46 8.24 7.40
CA TYR A 209 -24.63 8.26 6.51
C TYR A 209 -24.22 8.00 5.07
N ALA A 210 -23.15 8.65 4.64
CA ALA A 210 -22.61 8.43 3.31
C ALA A 210 -22.23 6.96 3.11
N PHE A 211 -21.58 6.38 4.11
CA PHE A 211 -21.16 4.99 4.06
C PHE A 211 -22.33 4.06 3.82
N GLY A 212 -23.46 4.37 4.43
CA GLY A 212 -24.68 3.61 4.22
C GLY A 212 -25.04 3.63 2.76
N ILE A 213 -25.01 4.81 2.15
CA ILE A 213 -25.38 4.95 0.75
C ILE A 213 -24.44 4.15 -0.14
N VAL A 214 -23.20 3.97 0.31
CA VAL A 214 -22.26 3.10 -0.39
C VAL A 214 -22.70 1.64 -0.24
N LEU A 215 -23.18 1.29 0.95
CA LEU A 215 -23.71 -0.05 1.21
C LEU A 215 -24.96 -0.27 0.37
N TYR A 216 -25.74 0.79 0.22
CA TYR A 216 -26.93 0.76 -0.61
C TYR A 216 -26.56 0.42 -2.05
N GLU A 217 -25.51 1.05 -2.55
CA GLU A 217 -25.05 0.80 -3.91
C GLU A 217 -24.55 -0.63 -4.08
N LEU A 218 -23.82 -1.10 -3.09
CA LEU A 218 -23.30 -2.46 -3.12
C LEU A 218 -24.43 -3.47 -3.01
N MET A 219 -25.39 -3.19 -2.14
CA MET A 219 -26.45 -4.16 -1.85
C MET A 219 -27.64 -4.16 -2.81
N THR A 220 -27.95 -3.00 -3.40
CA THR A 220 -29.00 -2.93 -4.40
C THR A 220 -28.41 -3.11 -5.79
N GLY A 221 -27.45 -2.26 -6.14
CA GLY A 221 -26.83 -2.31 -7.44
C GLY A 221 -26.94 -0.97 -8.14
N GLN A 222 -27.96 -0.21 -7.78
CA GLN A 222 -28.16 1.12 -8.36
C GLN A 222 -28.00 2.21 -7.31
N LEU A 223 -28.15 3.45 -7.74
CA LEU A 223 -28.04 4.60 -6.85
C LEU A 223 -29.39 4.83 -6.16
N PRO A 224 -29.39 5.57 -5.04
CA PRO A 224 -30.67 5.84 -4.41
C PRO A 224 -31.40 6.93 -5.16
N TYR A 225 -32.71 7.03 -4.97
CA TYR A 225 -33.55 8.02 -5.63
C TYR A 225 -33.52 7.83 -7.14
N SER A 226 -33.58 6.56 -7.55
CA SER A 226 -33.51 6.18 -8.95
C SER A 226 -34.71 6.69 -9.73
N ASN A 227 -35.84 6.83 -9.07
CA ASN A 227 -37.08 7.21 -9.75
C ASN A 227 -37.33 8.71 -9.76
N ILE A 228 -36.90 9.40 -8.70
CA ILE A 228 -36.92 10.86 -8.68
C ILE A 228 -35.96 11.35 -9.76
N ASN A 229 -36.42 12.26 -10.62
CA ASN A 229 -35.61 12.68 -11.76
C ASN A 229 -35.19 14.15 -11.76
N ASN A 230 -35.10 14.74 -10.58
CA ASN A 230 -34.69 16.13 -10.45
C ASN A 230 -33.76 16.32 -9.25
N ARG A 231 -32.62 16.97 -9.48
CA ARG A 231 -31.68 17.24 -8.40
C ARG A 231 -32.31 18.11 -7.32
N ASP A 232 -33.03 19.13 -7.76
CA ASP A 232 -33.66 20.08 -6.85
C ASP A 232 -34.82 19.46 -6.09
N GLN A 233 -35.35 18.36 -6.61
CA GLN A 233 -36.39 17.63 -5.90
C GLN A 233 -35.79 16.79 -4.77
N ILE A 234 -34.61 16.22 -5.01
CA ILE A 234 -33.93 15.41 -4.00
C ILE A 234 -33.47 16.28 -2.83
N ILE A 235 -32.96 17.48 -3.13
CA ILE A 235 -32.52 18.40 -2.09
C ILE A 235 -33.67 18.85 -1.18
N GLU A 236 -34.80 19.22 -1.77
CA GLU A 236 -35.95 19.70 -1.02
C GLU A 236 -36.57 18.61 -0.15
N MET A 237 -36.85 17.46 -0.77
CA MET A 237 -37.55 16.37 -0.09
C MET A 237 -36.75 15.72 1.04
N VAL A 238 -35.45 15.51 0.82
CA VAL A 238 -34.59 14.97 1.87
C VAL A 238 -34.43 16.00 2.99
N GLY A 239 -34.44 17.28 2.62
CA GLY A 239 -34.34 18.36 3.58
C GLY A 239 -35.49 18.41 4.57
N ARG A 240 -36.65 17.89 4.17
CA ARG A 240 -37.79 17.85 5.07
C ARG A 240 -38.10 16.42 5.54
N GLY A 241 -37.25 15.47 5.15
CA GLY A 241 -37.39 14.10 5.59
C GLY A 241 -38.48 13.33 4.85
N SER A 242 -39.01 13.95 3.80
CA SER A 242 -40.10 13.36 3.03
C SER A 242 -39.59 12.39 1.99
N LEU A 243 -38.27 12.24 1.91
CA LEU A 243 -37.68 11.29 0.98
C LEU A 243 -36.49 10.57 1.60
N SER A 244 -36.39 9.27 1.33
CA SER A 244 -35.30 8.45 1.81
C SER A 244 -35.10 7.27 0.85
N PRO A 245 -33.91 6.64 0.87
CA PRO A 245 -33.64 5.53 -0.05
C PRO A 245 -34.67 4.41 0.05
N ASP A 246 -34.96 3.75 -1.07
CA ASP A 246 -35.87 2.61 -1.07
C ASP A 246 -35.14 1.29 -0.76
N LEU A 247 -35.29 0.84 0.49
CA LEU A 247 -34.55 -0.33 0.99
C LEU A 247 -35.10 -1.66 0.50
N SER A 248 -36.18 -1.61 -0.25
CA SER A 248 -36.80 -2.81 -0.80
C SER A 248 -36.24 -3.13 -2.18
N LYS A 249 -35.12 -2.50 -2.52
CA LYS A 249 -34.51 -2.71 -3.83
C LYS A 249 -33.20 -3.50 -3.78
N VAL A 250 -32.85 -4.02 -2.60
CA VAL A 250 -31.59 -4.75 -2.45
C VAL A 250 -31.68 -6.14 -3.06
N ARG A 251 -30.53 -6.75 -3.30
CA ARG A 251 -30.46 -8.10 -3.82
C ARG A 251 -31.10 -9.08 -2.83
N SER A 252 -31.54 -10.22 -3.33
CA SER A 252 -32.20 -11.22 -2.50
C SER A 252 -31.23 -11.85 -1.51
N ASN A 253 -30.03 -12.19 -2.00
CA ASN A 253 -29.02 -12.76 -1.14
C ASN A 253 -28.26 -11.72 -0.33
N CYS A 254 -28.87 -10.53 -0.20
CA CYS A 254 -28.36 -9.53 0.74
C CYS A 254 -28.57 -10.03 2.15
N PRO A 255 -27.48 -10.27 2.88
CA PRO A 255 -27.50 -10.78 4.26
C PRO A 255 -28.34 -9.85 5.13
N LYS A 256 -29.13 -10.40 6.05
CA LYS A 256 -30.05 -9.56 6.81
C LYS A 256 -29.32 -8.60 7.73
N ARG A 257 -28.15 -9.03 8.23
CA ARG A 257 -27.29 -8.17 9.04
C ARG A 257 -26.97 -6.87 8.30
N MET A 258 -26.56 -7.03 7.05
CA MET A 258 -26.19 -5.90 6.19
C MET A 258 -27.39 -5.03 5.83
N LYS A 259 -28.55 -5.66 5.67
CA LYS A 259 -29.80 -4.93 5.38
C LYS A 259 -30.15 -3.98 6.51
N ARG A 260 -29.88 -4.41 7.74
CA ARG A 260 -30.22 -3.66 8.95
C ARG A 260 -29.16 -2.63 9.34
N LEU A 261 -27.89 -2.97 9.12
CA LEU A 261 -26.80 -2.03 9.35
C LEU A 261 -26.93 -0.86 8.38
N MET A 262 -27.40 -1.16 7.18
CA MET A 262 -27.66 -0.17 6.16
C MET A 262 -28.70 0.83 6.66
N ALA A 263 -29.77 0.29 7.23
CA ALA A 263 -30.84 1.12 7.79
C ALA A 263 -30.30 2.00 8.92
N GLU A 264 -29.46 1.39 9.77
CA GLU A 264 -28.91 2.09 10.94
C GLU A 264 -28.03 3.26 10.52
N CYS A 265 -27.30 3.08 9.42
CA CYS A 265 -26.42 4.13 8.91
C CYS A 265 -27.23 5.26 8.28
N LEU A 266 -28.50 5.01 7.96
CA LEU A 266 -29.32 5.99 7.26
C LEU A 266 -30.39 6.63 8.15
N LYS A 267 -30.27 6.44 9.45
CA LYS A 267 -31.16 7.09 10.40
C LYS A 267 -31.08 8.59 10.17
N LYS A 268 -32.23 9.24 10.15
CA LYS A 268 -32.31 10.63 9.73
C LYS A 268 -31.65 11.56 10.74
N LYS A 269 -31.65 11.15 12.01
CA LYS A 269 -30.98 11.91 13.07
C LYS A 269 -29.53 11.45 13.26
N ARG A 270 -28.59 12.39 13.23
CA ARG A 270 -27.16 12.06 13.25
C ARG A 270 -26.72 11.20 14.43
N ASP A 271 -27.34 11.41 15.58
CA ASP A 271 -26.91 10.75 16.81
C ASP A 271 -27.48 9.33 16.95
N GLU A 272 -28.28 8.91 15.98
CA GLU A 272 -28.85 7.56 16.00
C GLU A 272 -28.00 6.60 15.17
N ARG A 273 -27.04 7.15 14.42
CA ARG A 273 -26.19 6.35 13.53
C ARG A 273 -25.05 5.69 14.31
N PRO A 274 -24.64 4.49 13.88
CA PRO A 274 -23.56 3.75 14.55
C PRO A 274 -22.19 4.29 14.16
N SER A 275 -21.25 4.24 15.11
CA SER A 275 -19.88 4.63 14.82
C SER A 275 -19.17 3.50 14.07
N PHE A 276 -18.09 3.84 13.38
CA PHE A 276 -17.37 2.85 12.58
C PHE A 276 -16.76 1.60 13.26
N PRO A 277 -16.31 1.71 14.54
CA PRO A 277 -15.86 0.47 15.19
C PRO A 277 -17.00 -0.54 15.35
N ARG A 278 -18.19 -0.05 15.65
CA ARG A 278 -19.41 -0.87 15.64
C ARG A 278 -19.59 -1.51 14.28
N ILE A 279 -19.48 -0.67 13.24
CA ILE A 279 -19.69 -1.08 11.87
C ILE A 279 -18.67 -2.09 11.37
N LEU A 280 -17.39 -1.76 11.54
CA LEU A 280 -16.29 -2.65 11.18
C LEU A 280 -16.47 -4.02 11.84
N ALA A 281 -16.81 -4.03 13.12
CA ALA A 281 -17.09 -5.26 13.85
C ALA A 281 -18.19 -6.09 13.18
N GLU A 282 -19.34 -5.47 12.96
CA GLU A 282 -20.50 -6.14 12.38
C GLU A 282 -20.22 -6.73 11.00
N ILE A 283 -19.64 -5.92 10.12
CA ILE A 283 -19.33 -6.35 8.75
C ILE A 283 -18.31 -7.48 8.71
N GLU A 284 -17.23 -7.30 9.46
CA GLU A 284 -16.17 -8.30 9.53
C GLU A 284 -16.68 -9.62 10.13
N GLU A 285 -17.68 -9.53 11.00
CA GLU A 285 -18.26 -10.70 11.65
C GLU A 285 -19.08 -11.54 10.66
N LEU A 286 -19.80 -10.85 9.78
CA LEU A 286 -20.61 -11.54 8.78
C LEU A 286 -19.78 -11.97 7.55
N ALA A 287 -18.70 -11.23 7.31
CA ALA A 287 -17.80 -11.55 6.21
C ALA A 287 -17.09 -12.88 6.42
N ARG A 288 -17.02 -13.33 7.67
CA ARG A 288 -16.38 -14.59 7.99
C ARG A 288 -17.36 -15.76 7.84
N GLU A 289 -17.90 -15.89 6.62
CA GLU A 289 -18.84 -16.94 6.24
C GLU A 289 -18.41 -17.64 4.95
N ASP B 18 3.21 11.85 14.60
CA ASP B 18 3.51 10.81 15.57
C ASP B 18 2.76 9.50 15.29
N TRP B 19 3.46 8.39 15.48
CA TRP B 19 2.92 7.07 15.11
C TRP B 19 2.88 6.06 16.26
N GLU B 20 2.81 6.55 17.50
CA GLU B 20 2.72 5.64 18.63
C GLU B 20 1.28 5.12 18.78
N ILE B 21 1.13 3.80 18.90
CA ILE B 21 -0.19 3.19 19.09
C ILE B 21 -0.38 2.80 20.56
N PRO B 22 -1.35 3.45 21.23
CA PRO B 22 -1.65 3.35 22.67
C PRO B 22 -2.05 1.95 23.13
N ASP B 23 -1.66 1.62 24.37
CA ASP B 23 -1.76 0.27 24.91
C ASP B 23 -3.17 -0.31 24.84
N GLY B 24 -3.27 -1.50 24.25
CA GLY B 24 -4.52 -2.23 24.19
C GLY B 24 -5.41 -1.81 23.04
N GLN B 25 -4.81 -1.26 21.99
CA GLN B 25 -5.58 -0.91 20.81
C GLN B 25 -5.45 -2.00 19.76
N ILE B 26 -4.29 -2.65 19.73
CA ILE B 26 -4.04 -3.72 18.78
C ILE B 26 -4.37 -5.05 19.43
N THR B 27 -5.18 -5.85 18.74
CA THR B 27 -5.56 -7.17 19.25
C THR B 27 -4.71 -8.25 18.58
N VAL B 28 -3.71 -8.74 19.32
CA VAL B 28 -2.79 -9.73 18.78
C VAL B 28 -3.45 -11.08 18.56
N GLY B 29 -3.35 -11.58 17.33
CA GLY B 29 -3.97 -12.84 16.95
C GLY B 29 -3.01 -14.00 17.08
N GLN B 30 -2.92 -14.81 16.03
CA GLN B 30 -2.03 -15.97 16.04
C GLN B 30 -0.59 -15.57 15.76
N ARG B 31 0.34 -16.38 16.26
CA ARG B 31 1.75 -16.19 15.99
C ARG B 31 2.01 -16.69 14.58
N ILE B 32 2.82 -15.96 13.81
CA ILE B 32 3.16 -16.38 12.44
C ILE B 32 4.58 -16.97 12.38
N GLY B 33 5.48 -16.35 13.14
CA GLY B 33 6.85 -16.84 13.21
C GLY B 33 7.51 -16.35 14.48
N SER B 34 8.52 -17.08 14.93
CA SER B 34 9.27 -16.69 16.11
C SER B 34 10.76 -16.88 15.86
N GLY B 35 11.56 -15.95 16.37
CA GLY B 35 13.00 -16.03 16.24
C GLY B 35 13.71 -16.01 17.58
N SER B 36 15.02 -15.79 17.54
CA SER B 36 15.82 -15.67 18.77
C SER B 36 15.66 -14.27 19.36
N PHE B 37 15.23 -13.32 18.52
CA PHE B 37 15.04 -11.94 18.96
C PHE B 37 13.56 -11.57 19.06
N GLY B 38 12.87 -11.57 17.93
CA GLY B 38 11.49 -11.13 17.88
C GLY B 38 10.46 -12.22 17.67
N THR B 39 9.21 -11.80 17.51
CA THR B 39 8.09 -12.70 17.22
C THR B 39 6.96 -11.95 16.49
N VAL B 40 6.63 -12.41 15.28
CA VAL B 40 5.61 -11.72 14.47
C VAL B 40 4.23 -12.35 14.58
N TYR B 41 3.30 -11.59 15.13
CA TYR B 41 1.92 -12.03 15.24
C TYR B 41 1.08 -11.40 14.13
N LYS B 42 -0.05 -12.03 13.82
CA LYS B 42 -1.09 -11.38 13.03
C LYS B 42 -1.84 -10.47 13.99
N GLY B 43 -2.50 -9.43 13.48
CA GLY B 43 -3.16 -8.48 14.36
C GLY B 43 -4.51 -7.95 13.90
N LYS B 44 -5.15 -7.22 14.81
CA LYS B 44 -6.37 -6.51 14.49
C LYS B 44 -6.22 -5.08 14.97
N TRP B 45 -6.33 -4.13 14.03
CA TRP B 45 -6.29 -2.72 14.35
C TRP B 45 -6.78 -1.97 13.12
N HIS B 46 -8.02 -1.49 13.17
CA HIS B 46 -8.68 -0.85 12.03
C HIS B 46 -8.50 -1.74 10.80
N GLY B 47 -8.83 -3.02 10.99
CA GLY B 47 -8.59 -4.01 9.96
C GLY B 47 -7.43 -4.91 10.38
N ASP B 48 -6.84 -5.59 9.40
CA ASP B 48 -5.76 -6.55 9.66
C ASP B 48 -4.41 -5.85 9.66
N VAL B 49 -3.56 -6.24 10.60
CA VAL B 49 -2.19 -5.73 10.66
C VAL B 49 -1.23 -6.85 11.02
N ALA B 50 0.05 -6.55 10.95
CA ALA B 50 1.07 -7.49 11.36
C ALA B 50 1.94 -6.85 12.42
N VAL B 51 2.05 -7.52 13.57
CA VAL B 51 2.76 -6.99 14.71
C VAL B 51 4.06 -7.76 14.95
N LYS B 52 5.16 -7.02 15.08
CA LYS B 52 6.46 -7.62 15.38
C LYS B 52 6.88 -7.24 16.78
N MET B 53 6.84 -8.19 17.69
CA MET B 53 7.12 -7.90 19.10
C MET B 53 8.48 -8.40 19.58
N LEU B 54 9.01 -7.74 20.61
CA LEU B 54 10.26 -8.18 21.23
C LEU B 54 10.00 -9.06 22.45
N ASN B 55 10.67 -10.22 22.51
CA ASN B 55 10.36 -11.26 23.49
C ASN B 55 10.83 -11.02 24.93
N VAL B 56 10.94 -9.76 25.33
CA VAL B 56 11.39 -9.43 26.68
C VAL B 56 10.59 -8.29 27.30
N THR B 57 10.37 -8.38 28.61
CA THR B 57 9.69 -7.34 29.37
C THR B 57 10.58 -6.09 29.45
N ALA B 58 11.79 -6.28 29.96
CA ALA B 58 12.76 -5.21 30.07
C ALA B 58 13.88 -5.39 29.06
N PRO B 59 13.87 -4.56 28.00
CA PRO B 59 14.85 -4.60 26.91
C PRO B 59 16.15 -3.86 27.26
N THR B 60 17.29 -4.42 26.84
CA THR B 60 18.57 -3.74 26.95
C THR B 60 18.58 -2.52 26.02
N PRO B 61 19.42 -1.51 26.33
CA PRO B 61 19.58 -0.35 25.46
C PRO B 61 19.78 -0.73 23.99
N GLN B 62 20.57 -1.79 23.73
CA GLN B 62 20.79 -2.27 22.37
C GLN B 62 19.46 -2.66 21.71
N GLN B 63 18.61 -3.34 22.48
CA GLN B 63 17.27 -3.71 22.02
C GLN B 63 16.41 -2.46 21.81
N LEU B 64 16.52 -1.50 22.72
CA LEU B 64 15.82 -0.23 22.57
C LEU B 64 16.30 0.51 21.31
N GLN B 65 17.62 0.56 21.12
CA GLN B 65 18.19 1.28 20.00
C GLN B 65 17.77 0.67 18.66
N ALA B 66 17.88 -0.65 18.57
CA ALA B 66 17.53 -1.36 17.35
C ALA B 66 16.04 -1.21 17.03
N PHE B 67 15.24 -1.02 18.08
CA PHE B 67 13.83 -0.71 17.89
C PHE B 67 13.67 0.72 17.43
N LYS B 68 14.38 1.63 18.08
CA LYS B 68 14.34 3.05 17.72
C LYS B 68 14.93 3.26 16.33
N ASN B 69 15.85 2.39 15.94
CA ASN B 69 16.46 2.44 14.62
C ASN B 69 15.51 1.96 13.53
N GLU B 70 14.94 0.76 13.73
CA GLU B 70 14.10 0.13 12.72
C GLU B 70 12.91 1.02 12.38
N VAL B 71 12.32 1.61 13.41
CA VAL B 71 11.18 2.49 13.21
C VAL B 71 11.59 3.67 12.34
N GLY B 72 12.65 4.35 12.76
CA GLY B 72 13.13 5.55 12.08
C GLY B 72 13.42 5.33 10.61
N VAL B 73 14.03 4.19 10.30
CA VAL B 73 14.22 3.79 8.92
C VAL B 73 12.86 3.54 8.27
N LEU B 74 12.01 2.78 8.94
CA LEU B 74 10.70 2.46 8.40
C LEU B 74 9.87 3.71 8.09
N ARG B 75 9.80 4.63 9.06
CA ARG B 75 8.94 5.81 8.93
C ARG B 75 9.40 6.83 7.89
N LYS B 76 10.51 6.56 7.22
CA LYS B 76 10.98 7.42 6.15
C LYS B 76 10.59 6.84 4.79
N THR B 77 9.70 5.85 4.81
CA THR B 77 9.35 5.12 3.60
C THR B 77 7.86 5.18 3.26
N ARG B 78 7.57 5.66 2.05
CA ARG B 78 6.20 5.66 1.53
C ARG B 78 6.21 5.26 0.05
N HIS B 79 6.42 3.97 -0.20
CA HIS B 79 6.46 3.41 -1.56
C HIS B 79 5.65 2.12 -1.65
N VAL B 80 5.13 1.83 -2.83
CA VAL B 80 4.25 0.68 -3.03
C VAL B 80 4.97 -0.63 -2.79
N ASN B 81 6.26 -0.66 -3.11
CA ASN B 81 7.03 -1.90 -3.02
C ASN B 81 7.80 -2.07 -1.72
N ILE B 82 7.58 -1.17 -0.77
CA ILE B 82 8.12 -1.29 0.57
C ILE B 82 7.01 -1.65 1.55
N LEU B 83 7.30 -2.57 2.48
CA LEU B 83 6.34 -2.94 3.50
C LEU B 83 5.86 -1.69 4.23
N LEU B 84 4.54 -1.54 4.32
CA LEU B 84 3.96 -0.35 4.91
C LEU B 84 4.02 -0.35 6.44
N PHE B 85 4.88 0.50 6.99
CA PHE B 85 4.91 0.74 8.42
C PHE B 85 3.66 1.52 8.81
N MET B 86 3.00 1.09 9.87
CA MET B 86 1.74 1.71 10.29
C MET B 86 1.84 2.46 11.61
N GLY B 87 2.65 1.93 12.52
CA GLY B 87 2.82 2.53 13.83
C GLY B 87 3.60 1.59 14.73
N TYR B 88 3.95 2.04 15.92
CA TYR B 88 4.71 1.22 16.86
C TYR B 88 4.10 1.22 18.26
N SER B 89 4.13 0.06 18.91
CA SER B 89 3.75 -0.01 20.31
C SER B 89 5.02 0.03 21.13
N THR B 90 4.92 0.55 22.34
CA THR B 90 6.05 0.58 23.25
C THR B 90 5.61 -0.02 24.57
N LYS B 91 4.37 0.27 24.94
CA LYS B 91 3.88 0.03 26.30
C LYS B 91 3.97 -1.42 26.77
N PRO B 92 3.28 -2.36 26.09
CA PRO B 92 3.41 -3.74 26.59
C PRO B 92 4.81 -4.24 26.29
N GLN B 93 5.01 -4.72 25.06
CA GLN B 93 6.33 -4.98 24.54
C GLN B 93 6.66 -3.87 23.57
N LEU B 94 7.89 -3.84 23.09
CA LEU B 94 8.22 -3.01 21.95
C LEU B 94 7.72 -3.72 20.69
N ALA B 95 6.79 -3.07 20.00
CA ALA B 95 6.18 -3.69 18.84
C ALA B 95 6.14 -2.72 17.65
N ILE B 96 6.36 -3.28 16.46
CA ILE B 96 6.29 -2.53 15.20
C ILE B 96 5.14 -3.08 14.35
N VAL B 97 4.27 -2.20 13.88
CA VAL B 97 3.06 -2.59 13.16
C VAL B 97 3.12 -2.33 11.67
N THR B 98 2.83 -3.35 10.87
CA THR B 98 2.83 -3.22 9.43
C THR B 98 1.50 -3.68 8.82
N GLN B 99 1.28 -3.34 7.56
CA GLN B 99 0.16 -3.87 6.80
C GLN B 99 0.27 -5.38 6.73
N TRP B 100 -0.85 -6.06 6.75
CA TRP B 100 -0.79 -7.50 6.57
C TRP B 100 -0.69 -7.85 5.10
N CYS B 101 0.37 -8.58 4.76
CA CYS B 101 0.54 -9.12 3.42
C CYS B 101 0.18 -10.59 3.41
N GLU B 102 -0.51 -11.03 2.37
CA GLU B 102 -0.86 -12.44 2.24
C GLU B 102 -0.25 -13.03 0.97
N GLY B 103 0.45 -14.15 1.14
CA GLY B 103 1.12 -14.81 0.03
C GLY B 103 2.34 -15.54 0.55
N SER B 104 3.43 -15.50 -0.21
CA SER B 104 4.69 -16.05 0.27
C SER B 104 5.84 -15.13 -0.08
N SER B 105 7.04 -15.51 0.33
CA SER B 105 8.25 -14.82 -0.12
C SER B 105 8.53 -15.25 -1.55
N LEU B 106 9.43 -14.54 -2.22
CA LEU B 106 9.83 -14.95 -3.55
C LEU B 106 10.56 -16.27 -3.43
N TYR B 107 11.29 -16.43 -2.32
CA TYR B 107 12.04 -17.65 -2.05
C TYR B 107 11.14 -18.87 -2.03
N HIS B 108 10.00 -18.74 -1.37
CA HIS B 108 9.04 -19.83 -1.31
C HIS B 108 8.47 -20.10 -2.70
N HIS B 109 8.14 -19.03 -3.42
CA HIS B 109 7.56 -19.17 -4.75
C HIS B 109 8.53 -19.77 -5.74
N LEU B 110 9.81 -19.60 -5.49
CA LEU B 110 10.82 -20.05 -6.45
C LEU B 110 11.38 -21.43 -6.09
N HIS B 111 11.77 -21.60 -4.84
CA HIS B 111 12.57 -22.75 -4.44
C HIS B 111 11.82 -23.82 -3.65
N ALA B 112 10.72 -23.44 -3.02
CA ALA B 112 9.94 -24.39 -2.24
C ALA B 112 8.75 -24.89 -3.06
N SER B 113 7.72 -24.07 -3.19
CA SER B 113 6.64 -24.37 -4.12
C SER B 113 7.17 -24.13 -5.52
N GLU B 114 7.06 -25.12 -6.38
CA GLU B 114 7.63 -25.03 -7.73
C GLU B 114 6.83 -24.10 -8.64
N THR B 115 6.48 -22.92 -8.14
CA THR B 115 5.67 -21.95 -8.89
C THR B 115 6.40 -21.55 -10.16
N LYS B 116 5.91 -22.03 -11.30
CA LYS B 116 6.58 -21.68 -12.55
C LYS B 116 5.93 -20.45 -13.18
N PHE B 117 6.59 -19.32 -12.98
CA PHE B 117 6.16 -18.03 -13.53
C PHE B 117 6.42 -17.95 -15.04
N GLU B 118 5.71 -17.04 -15.70
CA GLU B 118 6.02 -16.70 -17.07
C GLU B 118 7.15 -15.67 -17.11
N MET B 119 7.76 -15.49 -18.27
CA MET B 119 8.87 -14.56 -18.42
C MET B 119 8.42 -13.15 -18.08
N LYS B 120 7.23 -12.79 -18.56
CA LYS B 120 6.67 -11.47 -18.30
C LYS B 120 6.56 -11.23 -16.80
N LYS B 121 6.11 -12.25 -16.07
CA LYS B 121 5.90 -12.11 -14.65
C LYS B 121 7.22 -11.98 -13.89
N LEU B 122 8.23 -12.75 -14.32
CA LEU B 122 9.54 -12.69 -13.68
C LEU B 122 10.15 -11.31 -13.86
N ILE B 123 10.03 -10.76 -15.06
CA ILE B 123 10.53 -9.44 -15.33
C ILE B 123 9.85 -8.41 -14.44
N ASP B 124 8.53 -8.53 -14.32
CA ASP B 124 7.72 -7.60 -13.54
C ASP B 124 8.13 -7.58 -12.07
N ILE B 125 8.49 -8.74 -11.55
CA ILE B 125 8.91 -8.86 -10.17
C ILE B 125 10.25 -8.15 -9.94
N ALA B 126 11.16 -8.33 -10.89
CA ALA B 126 12.48 -7.69 -10.87
C ALA B 126 12.34 -6.18 -11.01
N ARG B 127 11.32 -5.76 -11.77
CA ARG B 127 11.01 -4.35 -11.92
C ARG B 127 10.46 -3.74 -10.63
N GLN B 128 9.50 -4.43 -10.02
CA GLN B 128 8.90 -3.99 -8.76
C GLN B 128 9.95 -3.90 -7.66
N THR B 129 10.85 -4.88 -7.65
CA THR B 129 11.93 -4.92 -6.68
C THR B 129 12.90 -3.78 -6.93
N ALA B 130 13.09 -3.45 -8.21
CA ALA B 130 13.99 -2.39 -8.63
C ALA B 130 13.46 -1.03 -8.18
N ARG B 131 12.17 -0.81 -8.34
CA ARG B 131 11.51 0.40 -7.87
C ARG B 131 11.63 0.51 -6.36
N GLY B 132 11.31 -0.59 -5.68
CA GLY B 132 11.35 -0.65 -4.23
C GLY B 132 12.75 -0.45 -3.68
N MET B 133 13.74 -0.95 -4.41
CA MET B 133 15.12 -0.75 -4.00
C MET B 133 15.63 0.62 -4.38
N ASP B 134 15.17 1.12 -5.53
CA ASP B 134 15.56 2.46 -5.98
C ASP B 134 15.08 3.49 -4.97
N TYR B 135 13.90 3.26 -4.41
CA TYR B 135 13.33 4.18 -3.44
C TYR B 135 14.18 4.26 -2.18
N LEU B 136 14.65 3.10 -1.72
CA LEU B 136 15.45 3.04 -0.50
C LEU B 136 16.77 3.78 -0.64
N HIS B 137 17.47 3.55 -1.74
CA HIS B 137 18.72 4.24 -2.00
C HIS B 137 18.51 5.73 -2.22
N ALA B 138 17.31 6.10 -2.65
CA ALA B 138 16.98 7.50 -2.89
C ALA B 138 16.96 8.27 -1.57
N LYS B 139 16.34 7.68 -0.56
CA LYS B 139 16.31 8.28 0.78
C LYS B 139 17.57 7.89 1.56
N SER B 140 18.61 7.48 0.82
CA SER B 140 19.90 7.10 1.39
C SER B 140 19.76 6.03 2.47
N ILE B 141 18.86 5.08 2.22
CA ILE B 141 18.64 3.96 3.12
C ILE B 141 19.26 2.70 2.53
N ILE B 142 20.23 2.16 3.25
CA ILE B 142 20.87 0.92 2.82
C ILE B 142 20.24 -0.29 3.48
N HIS B 143 19.50 -1.07 2.68
CA HIS B 143 18.88 -2.29 3.17
C HIS B 143 19.98 -3.34 3.31
N ARG B 144 20.37 -3.63 4.54
CA ARG B 144 21.58 -4.41 4.78
C ARG B 144 21.45 -5.91 4.51
N ASP B 145 20.26 -6.34 4.08
CA ASP B 145 20.07 -7.73 3.71
C ASP B 145 18.96 -7.97 2.67
N LEU B 146 19.25 -7.64 1.42
CA LEU B 146 18.34 -7.95 0.33
C LEU B 146 18.52 -9.40 -0.14
N LYS B 147 17.41 -10.12 -0.24
CA LYS B 147 17.43 -11.50 -0.70
C LYS B 147 15.99 -11.89 -1.02
N SER B 148 15.81 -12.97 -1.78
CA SER B 148 14.47 -13.39 -2.21
C SER B 148 13.58 -13.80 -1.05
N ASN B 149 14.21 -14.17 0.06
CA ASN B 149 13.47 -14.50 1.27
C ASN B 149 12.91 -13.26 1.97
N ASN B 150 13.51 -12.11 1.67
CA ASN B 150 13.06 -10.85 2.24
C ASN B 150 12.19 -10.05 1.28
N ILE B 151 11.74 -10.70 0.22
CA ILE B 151 10.85 -10.07 -0.75
C ILE B 151 9.50 -10.79 -0.74
N PHE B 152 8.45 -10.08 -0.36
CA PHE B 152 7.14 -10.72 -0.24
C PHE B 152 6.25 -10.49 -1.47
N LEU B 153 5.69 -11.57 -2.01
CA LEU B 153 4.75 -11.45 -3.12
C LEU B 153 3.32 -11.33 -2.58
N HIS B 154 2.93 -10.11 -2.27
CA HIS B 154 1.62 -9.83 -1.71
C HIS B 154 0.50 -10.03 -2.74
N GLU B 155 -0.44 -10.90 -2.38
CA GLU B 155 -1.49 -11.37 -3.29
C GLU B 155 -0.88 -12.09 -4.48
N ASP B 156 0.34 -12.59 -4.26
CA ASP B 156 1.13 -13.27 -5.30
C ASP B 156 1.44 -12.37 -6.50
N ASN B 157 1.31 -11.06 -6.32
CA ASN B 157 1.49 -10.10 -7.40
C ASN B 157 2.38 -8.92 -7.00
N THR B 158 1.91 -8.16 -6.00
CA THR B 158 2.58 -6.95 -5.57
C THR B 158 3.79 -7.26 -4.68
N VAL B 159 4.96 -6.78 -5.08
CA VAL B 159 6.19 -7.03 -4.33
C VAL B 159 6.35 -6.08 -3.14
N LYS B 160 6.54 -6.65 -1.95
CA LYS B 160 6.77 -5.86 -0.75
C LYS B 160 8.14 -6.15 -0.13
N ILE B 161 9.11 -5.29 -0.43
CA ILE B 161 10.43 -5.40 0.15
C ILE B 161 10.41 -5.00 1.62
N GLY B 162 11.06 -5.82 2.46
CA GLY B 162 11.18 -5.54 3.87
C GLY B 162 12.15 -6.51 4.53
N ASP B 163 12.19 -6.50 5.86
CA ASP B 163 13.00 -7.47 6.60
C ASP B 163 12.13 -8.45 7.38
N PHE B 164 12.05 -9.68 6.90
CA PHE B 164 11.15 -10.68 7.47
C PHE B 164 11.88 -11.63 8.41
N GLY B 165 13.17 -11.37 8.63
CA GLY B 165 13.99 -12.22 9.46
C GLY B 165 13.91 -11.87 10.93
N LEU B 166 13.65 -12.87 11.76
CA LEU B 166 13.41 -12.64 13.20
C LEU B 166 14.63 -12.88 14.08
N ALA B 167 15.59 -13.66 13.60
CA ALA B 167 16.80 -13.94 14.36
C ALA B 167 17.61 -12.67 14.62
N THR B 168 18.44 -12.69 15.67
CA THR B 168 19.20 -11.52 16.09
C THR B 168 20.19 -11.05 15.03
N SER B 183 24.91 -14.66 7.80
CA SER B 183 24.68 -15.93 8.47
C SER B 183 23.89 -16.92 7.61
N GLY B 184 22.65 -16.55 7.27
CA GLY B 184 21.82 -17.35 6.39
C GLY B 184 21.63 -16.67 5.05
N SER B 185 22.50 -15.70 4.76
CA SER B 185 22.33 -14.87 3.57
C SER B 185 23.63 -14.74 2.77
N ILE B 186 24.55 -15.68 2.97
CA ILE B 186 25.86 -15.60 2.36
C ILE B 186 25.79 -15.74 0.83
N LEU B 187 24.66 -16.24 0.33
CA LEU B 187 24.48 -16.37 -1.11
C LEU B 187 24.38 -14.98 -1.75
N TRP B 188 23.77 -14.05 -1.01
CA TRP B 188 23.53 -12.71 -1.54
C TRP B 188 24.61 -11.71 -1.13
N MET B 189 25.62 -12.19 -0.41
CA MET B 189 26.70 -11.32 0.04
C MET B 189 27.78 -11.10 -1.01
N ALA B 190 27.99 -9.85 -1.38
CA ALA B 190 29.06 -9.43 -2.28
C ALA B 190 30.41 -9.86 -1.68
N PRO B 191 31.44 -10.01 -2.52
CA PRO B 191 32.75 -10.47 -2.06
C PRO B 191 33.34 -9.61 -0.93
N GLU B 192 33.17 -8.29 -1.01
CA GLU B 192 33.75 -7.40 -0.03
C GLU B 192 32.97 -7.38 1.28
N VAL B 193 31.74 -7.88 1.24
CA VAL B 193 30.96 -8.04 2.46
C VAL B 193 31.41 -9.29 3.20
N ILE B 194 31.73 -10.35 2.45
CA ILE B 194 32.29 -11.55 3.05
C ILE B 194 33.69 -11.25 3.62
N ARG B 195 34.43 -10.41 2.90
CA ARG B 195 35.75 -9.97 3.36
C ARG B 195 35.65 -8.69 4.21
N MET B 196 35.13 -8.84 5.43
CA MET B 196 34.92 -7.74 6.36
C MET B 196 36.15 -6.81 6.48
N PRO B 201 31.46 -2.25 5.30
CA PRO B 201 31.45 -3.06 4.08
C PRO B 201 30.11 -2.96 3.34
N TYR B 202 29.03 -2.77 4.10
CA TYR B 202 27.69 -2.65 3.54
C TYR B 202 27.42 -1.28 2.92
N SER B 203 27.39 -1.23 1.59
CA SER B 203 27.16 0.02 0.87
C SER B 203 26.03 -0.11 -0.15
N PHE B 204 25.74 0.97 -0.87
CA PHE B 204 24.73 0.93 -1.93
C PHE B 204 25.07 -0.17 -2.90
N GLN B 205 26.37 -0.31 -3.18
CA GLN B 205 26.87 -1.33 -4.10
C GLN B 205 26.69 -2.75 -3.57
N SER B 206 26.60 -2.89 -2.24
CA SER B 206 26.43 -4.20 -1.62
C SER B 206 25.02 -4.74 -1.88
N ASP B 207 24.06 -3.82 -1.97
CA ASP B 207 22.69 -4.16 -2.25
C ASP B 207 22.56 -4.45 -3.74
N VAL B 208 23.30 -3.71 -4.55
CA VAL B 208 23.24 -3.89 -6.00
C VAL B 208 23.68 -5.30 -6.38
N TYR B 209 24.73 -5.80 -5.73
CA TYR B 209 25.17 -7.18 -5.94
C TYR B 209 24.07 -8.13 -5.54
N ALA B 210 23.47 -7.85 -4.38
CA ALA B 210 22.43 -8.70 -3.82
C ALA B 210 21.23 -8.77 -4.76
N PHE B 211 20.91 -7.66 -5.42
CA PHE B 211 19.79 -7.62 -6.35
C PHE B 211 20.07 -8.53 -7.52
N GLY B 212 21.33 -8.52 -7.95
CA GLY B 212 21.80 -9.36 -9.03
C GLY B 212 21.55 -10.83 -8.77
N ILE B 213 21.81 -11.26 -7.54
CA ILE B 213 21.53 -12.64 -7.17
C ILE B 213 20.03 -12.94 -7.24
N VAL B 214 19.19 -11.96 -6.89
CA VAL B 214 17.75 -12.13 -7.02
C VAL B 214 17.38 -12.26 -8.49
N LEU B 215 18.09 -11.52 -9.34
CA LEU B 215 17.93 -11.64 -10.79
C LEU B 215 18.32 -13.03 -11.25
N TYR B 216 19.41 -13.54 -10.69
CA TYR B 216 19.88 -14.89 -11.00
C TYR B 216 18.82 -15.88 -10.56
N GLU B 217 18.16 -15.58 -9.45
CA GLU B 217 17.07 -16.41 -8.96
C GLU B 217 15.91 -16.42 -9.95
N LEU B 218 15.48 -15.23 -10.36
CA LEU B 218 14.34 -15.10 -11.28
C LEU B 218 14.60 -15.68 -12.66
N MET B 219 15.84 -15.56 -13.14
CA MET B 219 16.17 -15.95 -14.51
C MET B 219 16.60 -17.41 -14.67
N THR B 220 17.26 -17.96 -13.66
CA THR B 220 17.73 -19.35 -13.70
C THR B 220 16.77 -20.28 -12.98
N GLY B 221 16.04 -19.73 -12.02
CA GLY B 221 15.06 -20.49 -11.27
C GLY B 221 15.68 -21.13 -10.05
N GLN B 222 17.00 -21.04 -9.94
CA GLN B 222 17.70 -21.65 -8.82
C GLN B 222 18.65 -20.70 -8.10
N LEU B 223 19.16 -21.16 -6.97
CA LEU B 223 20.14 -20.40 -6.20
C LEU B 223 21.50 -20.51 -6.86
N PRO B 224 22.41 -19.55 -6.57
CA PRO B 224 23.76 -19.68 -7.11
C PRO B 224 24.57 -20.70 -6.30
N TYR B 225 25.58 -21.29 -6.91
CA TYR B 225 26.44 -22.29 -6.28
C TYR B 225 25.64 -23.56 -5.97
N SER B 226 24.90 -24.01 -6.98
CA SER B 226 24.05 -25.20 -6.88
C SER B 226 24.86 -26.45 -6.53
N ASN B 227 26.05 -26.58 -7.11
CA ASN B 227 26.86 -27.80 -6.99
C ASN B 227 27.77 -27.85 -5.78
N ILE B 228 27.80 -26.77 -5.02
CA ILE B 228 28.70 -26.68 -3.87
C ILE B 228 28.02 -27.13 -2.57
N ASN B 229 28.55 -28.21 -2.00
CA ASN B 229 27.94 -28.91 -0.87
C ASN B 229 28.16 -28.20 0.46
N ASN B 230 29.14 -27.31 0.49
CA ASN B 230 29.65 -26.78 1.75
C ASN B 230 29.53 -25.26 1.83
N ARG B 231 28.92 -24.76 2.90
CA ARG B 231 28.76 -23.32 3.10
C ARG B 231 30.11 -22.64 3.25
N ASP B 232 31.04 -23.30 3.94
CA ASP B 232 32.35 -22.73 4.17
C ASP B 232 33.16 -22.59 2.89
N GLN B 233 32.78 -23.35 1.87
CA GLN B 233 33.42 -23.26 0.57
C GLN B 233 33.06 -21.94 -0.09
N ILE B 234 31.79 -21.58 -0.01
CA ILE B 234 31.28 -20.38 -0.66
C ILE B 234 31.83 -19.13 0.02
N ILE B 235 31.95 -19.20 1.34
CA ILE B 235 32.54 -18.11 2.10
C ILE B 235 34.01 -17.90 1.73
N GLU B 236 34.73 -19.00 1.54
CA GLU B 236 36.14 -18.94 1.19
C GLU B 236 36.36 -18.49 -0.25
N MET B 237 35.84 -19.28 -1.19
CA MET B 237 36.13 -19.12 -2.62
C MET B 237 35.64 -17.81 -3.25
N VAL B 238 34.64 -17.18 -2.64
CA VAL B 238 34.15 -15.88 -3.12
C VAL B 238 35.07 -14.77 -2.63
N GLY B 239 35.57 -14.89 -1.40
CA GLY B 239 36.52 -13.96 -0.83
C GLY B 239 37.91 -14.14 -1.40
N ARG B 240 38.04 -15.08 -2.33
CA ARG B 240 39.27 -15.27 -3.11
C ARG B 240 39.03 -14.90 -4.56
N GLY B 241 37.75 -14.74 -4.93
CA GLY B 241 37.39 -14.46 -6.31
C GLY B 241 37.36 -15.70 -7.16
N SER B 242 37.68 -16.85 -6.55
CA SER B 242 37.75 -18.11 -7.27
C SER B 242 36.38 -18.75 -7.47
N LEU B 243 35.33 -18.00 -7.15
CA LEU B 243 33.98 -18.51 -7.25
C LEU B 243 32.97 -17.43 -7.57
N SER B 244 32.09 -17.74 -8.52
CA SER B 244 31.01 -16.84 -8.91
C SER B 244 29.88 -17.65 -9.54
N PRO B 245 28.64 -17.12 -9.48
CA PRO B 245 27.47 -17.82 -10.03
C PRO B 245 27.65 -18.21 -11.49
N ASP B 246 27.03 -19.33 -11.87
CA ASP B 246 27.08 -19.81 -13.25
C ASP B 246 25.93 -19.26 -14.09
N LEU B 247 26.23 -18.34 -15.00
CA LEU B 247 25.21 -17.64 -15.78
C LEU B 247 24.81 -18.43 -17.02
N SER B 248 25.16 -19.71 -17.04
CA SER B 248 24.83 -20.59 -18.16
C SER B 248 23.58 -21.40 -17.83
N LYS B 249 23.01 -21.11 -16.66
CA LYS B 249 21.81 -21.82 -16.21
C LYS B 249 20.54 -20.96 -16.33
N VAL B 250 20.66 -19.81 -16.99
CA VAL B 250 19.51 -18.94 -17.19
C VAL B 250 18.55 -19.51 -18.23
N ARG B 251 17.26 -19.27 -18.04
CA ARG B 251 16.22 -19.77 -18.93
C ARG B 251 16.52 -19.38 -20.38
N SER B 252 16.15 -20.25 -21.31
CA SER B 252 16.40 -20.03 -22.73
C SER B 252 15.76 -18.74 -23.25
N ASN B 253 14.67 -18.33 -22.62
CA ASN B 253 13.97 -17.13 -23.05
C ASN B 253 14.35 -15.90 -22.22
N CYS B 254 15.54 -15.93 -21.64
CA CYS B 254 16.04 -14.78 -20.90
C CYS B 254 16.55 -13.70 -21.86
N PRO B 255 16.10 -12.46 -21.64
CA PRO B 255 16.50 -11.28 -22.43
C PRO B 255 17.99 -11.01 -22.36
N LYS B 256 18.61 -10.64 -23.48
CA LYS B 256 20.03 -10.30 -23.50
C LYS B 256 20.34 -9.18 -22.52
N ARG B 257 19.40 -8.25 -22.41
CA ARG B 257 19.54 -7.12 -21.50
C ARG B 257 19.54 -7.58 -20.05
N MET B 258 18.75 -8.62 -19.79
CA MET B 258 18.69 -9.21 -18.46
C MET B 258 19.93 -10.06 -18.14
N LYS B 259 20.39 -10.81 -19.13
CA LYS B 259 21.62 -11.58 -18.96
C LYS B 259 22.78 -10.65 -18.67
N ARG B 260 22.81 -9.52 -19.38
CA ARG B 260 23.86 -8.51 -19.22
C ARG B 260 23.80 -7.80 -17.87
N LEU B 261 22.66 -7.17 -17.58
CA LEU B 261 22.52 -6.37 -16.37
C LEU B 261 22.75 -7.22 -15.12
N MET B 262 22.37 -8.49 -15.21
CA MET B 262 22.60 -9.42 -14.10
C MET B 262 24.08 -9.51 -13.81
N ALA B 263 24.88 -9.63 -14.88
CA ALA B 263 26.33 -9.73 -14.73
C ALA B 263 26.93 -8.41 -14.25
N GLU B 264 26.35 -7.30 -14.69
CA GLU B 264 26.83 -5.98 -14.29
C GLU B 264 26.66 -5.74 -12.78
N CYS B 265 25.62 -6.34 -12.22
CA CYS B 265 25.35 -6.22 -10.79
C CYS B 265 26.29 -7.11 -9.99
N LEU B 266 26.68 -8.24 -10.58
CA LEU B 266 27.50 -9.22 -9.88
C LEU B 266 28.99 -9.01 -10.14
N LYS B 267 29.34 -7.84 -10.65
CA LYS B 267 30.73 -7.47 -10.89
C LYS B 267 31.51 -7.54 -9.57
N LYS B 268 32.64 -8.23 -9.58
CA LYS B 268 33.46 -8.42 -8.39
C LYS B 268 33.83 -7.10 -7.71
N LYS B 269 34.51 -6.23 -8.45
CA LYS B 269 34.89 -4.91 -7.94
C LYS B 269 33.66 -4.02 -7.73
N ARG B 270 33.42 -3.59 -6.50
CA ARG B 270 32.13 -3.00 -6.13
C ARG B 270 31.78 -1.68 -6.83
N ASP B 271 32.78 -0.94 -7.28
CA ASP B 271 32.51 0.34 -7.92
C ASP B 271 32.28 0.20 -9.41
N GLU B 272 32.18 -1.05 -9.87
CA GLU B 272 31.94 -1.33 -11.28
C GLU B 272 30.49 -1.75 -11.51
N ARG B 273 29.79 -2.10 -10.43
CA ARG B 273 28.37 -2.42 -10.52
C ARG B 273 27.55 -1.13 -10.52
N PRO B 274 26.54 -1.06 -11.41
CA PRO B 274 25.74 0.15 -11.63
C PRO B 274 24.91 0.55 -10.42
N SER B 275 24.42 1.77 -10.41
CA SER B 275 23.48 2.20 -9.38
C SER B 275 22.07 1.80 -9.81
N PHE B 276 21.14 1.82 -8.86
CA PHE B 276 19.77 1.41 -9.15
C PHE B 276 18.96 2.20 -10.18
N PRO B 277 19.07 3.55 -10.21
CA PRO B 277 18.31 4.32 -11.21
C PRO B 277 18.55 3.83 -12.64
N ARG B 278 19.82 3.65 -12.98
CA ARG B 278 20.20 3.04 -14.23
C ARG B 278 19.54 1.68 -14.39
N ILE B 279 19.65 0.85 -13.35
CA ILE B 279 19.08 -0.50 -13.34
C ILE B 279 17.57 -0.53 -13.58
N LEU B 280 16.86 0.36 -12.90
CA LEU B 280 15.42 0.50 -13.07
C LEU B 280 15.08 0.85 -14.52
N ALA B 281 15.89 1.74 -15.11
CA ALA B 281 15.67 2.16 -16.49
C ALA B 281 15.73 0.99 -17.48
N GLU B 282 16.81 0.23 -17.40
CA GLU B 282 17.04 -0.94 -18.26
C GLU B 282 15.88 -1.92 -18.21
N ILE B 283 15.44 -2.25 -17.00
CA ILE B 283 14.38 -3.24 -16.81
C ILE B 283 13.03 -2.72 -17.29
N GLU B 284 12.77 -1.44 -17.09
CA GLU B 284 11.49 -0.85 -17.49
C GLU B 284 11.47 -0.56 -18.99
N GLU B 285 12.65 -0.40 -19.56
CA GLU B 285 12.79 -0.15 -20.99
C GLU B 285 12.53 -1.42 -21.78
N LEU B 286 12.63 -2.57 -21.11
CA LEU B 286 12.47 -3.86 -21.77
C LEU B 286 11.14 -4.53 -21.43
N ALA B 287 10.64 -4.24 -20.23
CA ALA B 287 9.33 -4.76 -19.84
C ALA B 287 8.28 -4.15 -20.74
N ARG B 288 8.53 -2.92 -21.17
CA ARG B 288 7.66 -2.24 -22.11
C ARG B 288 7.98 -2.66 -23.55
N GLU B 289 8.89 -3.62 -23.69
CA GLU B 289 9.24 -4.18 -25.00
C GLU B 289 8.92 -5.67 -25.06
#